data_5XJF
#
_entry.id   5XJF
#
_cell.length_a   77.300
_cell.length_b   77.300
_cell.length_c   349.800
_cell.angle_alpha   90.00
_cell.angle_beta   90.00
_cell.angle_gamma   90.00
#
_symmetry.space_group_name_H-M   'P 41 21 2'
#
loop_
_entity.id
_entity.type
_entity.pdbx_description
1 polymer 'Immunoglobulin gamma-1 heavy chain'
2 polymer 'Low affinity immunoglobulin gamma Fc region receptor III-A'
3 branched beta-D-galactopyranose-(1-4)-2-acetamido-2-deoxy-beta-D-glucopyranose-(1-2)-alpha-D-mannopyranose-(1-6)-[2-acetamido-2-deoxy-beta-D-glucopyranose-(1-2)-alpha-D-mannopyranose-(1-3)]beta-D-mannopyranose-(1-4)-2-acetamido-2-deoxy-beta-D-glucopyranose-(1-4)-[alpha-L-fucopyranose-(1-6)]2-acetamido-2-deoxy-beta-D-glucopyranose
4 branched 2-acetamido-2-deoxy-beta-D-glucopyranose-(1-2)-alpha-D-mannopyranose-(1-3)-beta-D-mannopyranose-(1-4)-2-acetamido-2-deoxy-beta-D-glucopyranose-(1-4)-2-acetamido-2-deoxy-beta-D-glucopyranose
5 non-polymer 'CHLORIDE ION'
6 non-polymer 2-acetamido-2-deoxy-beta-D-glucopyranose
7 water water
#
loop_
_entity_poly.entity_id
_entity_poly.type
_entity_poly.pdbx_seq_one_letter_code
_entity_poly.pdbx_strand_id
1 'polypeptide(L)'
;TCPPCPAPELLGGPSVFLFPPKPKDTLMISRTPEVTCVVVDVSHEDPEVKFNWYVDGVEVHNAKTKPREEQWNSTYRVVS
VLTVLHQDWLNGKEYKCKVSNKALPAPIEKTISKAKGQPREPQVYTLPPSRDELTKNQVSLTCLVKGFYPSDIAVEWESN
GQPENNYKTTPPVLDSDGSFFLYSKLTVDKSRWQQGNVFSCSVMHEALHNHYTQKSLSLSPGK
;
A,B
2 'polypeptide(L)'
;EDLPKAVVFLEPQWYRVLEKDSVTLKCQGAYSPEDQSTQWFHNESLISSQASSYFIDAATVDDSGEYRCQTQLSTLSDPV
QLEVHIGWLLLQAPRWVFKEEDPIHLRCHSWKNTALHKVTYLQNGKGRKYFHHNSDFYIPKATLKDSGSYFCRGLVGSKN
VSSETVQITITQGHHHHHH
;
C
#
# COMPACT_ATOMS: atom_id res chain seq x y z
N PRO A 6 13.80 -18.08 2.36
CA PRO A 6 15.18 -18.29 2.82
C PRO A 6 15.41 -18.00 4.31
N ALA A 7 14.79 -16.93 4.82
CA ALA A 7 14.91 -16.52 6.24
C ALA A 7 13.64 -16.92 7.05
N PRO A 8 13.79 -17.79 8.08
CA PRO A 8 12.61 -18.16 8.91
C PRO A 8 11.94 -16.96 9.63
N GLU A 9 10.65 -16.77 9.39
CA GLU A 9 9.92 -15.56 9.83
C GLU A 9 9.87 -15.38 11.35
N LEU A 10 9.98 -14.12 11.79
CA LEU A 10 10.01 -13.78 13.21
C LEU A 10 8.62 -13.71 13.85
N LEU A 11 8.61 -13.84 15.17
CA LEU A 11 7.38 -13.82 15.94
C LEU A 11 7.07 -12.34 16.23
N GLY A 12 6.15 -12.07 17.14
CA GLY A 12 5.92 -10.71 17.62
C GLY A 12 7.07 -10.21 18.49
N GLY A 13 7.04 -8.91 18.77
CA GLY A 13 8.18 -8.19 19.36
C GLY A 13 8.19 -6.83 18.69
N PRO A 14 9.08 -5.93 19.13
CA PRO A 14 9.23 -4.67 18.41
C PRO A 14 9.73 -4.84 16.98
N SER A 15 9.47 -3.85 16.15
CA SER A 15 9.89 -3.87 14.75
C SER A 15 10.65 -2.61 14.46
N VAL A 16 11.54 -2.71 13.48
CA VAL A 16 12.53 -1.68 13.20
C VAL A 16 12.45 -1.22 11.76
N PHE A 17 12.45 0.09 11.58
CA PHE A 17 12.47 0.70 10.27
C PHE A 17 13.55 1.74 10.22
N LEU A 18 14.40 1.59 9.21
CA LEU A 18 15.59 2.40 9.07
C LEU A 18 15.49 3.24 7.80
N PHE A 19 15.59 4.55 7.96
CA PHE A 19 15.30 5.48 6.90
C PHE A 19 16.52 6.28 6.47
N PRO A 20 16.70 6.49 5.13
CA PRO A 20 17.88 7.20 4.67
C PRO A 20 17.68 8.71 4.76
N PRO A 21 18.75 9.50 4.47
CA PRO A 21 18.60 10.94 4.42
C PRO A 21 17.95 11.42 3.15
N LYS A 22 17.38 12.62 3.22
CA LYS A 22 16.81 13.27 2.08
C LYS A 22 17.95 13.47 1.12
N PRO A 23 17.76 13.19 -0.20
CA PRO A 23 18.75 13.54 -1.22
C PRO A 23 19.29 14.97 -1.13
N LYS A 24 18.42 15.96 -1.13
CA LYS A 24 18.84 17.35 -1.07
C LYS A 24 19.74 17.67 0.14
N ASP A 25 19.55 16.95 1.27
CA ASP A 25 20.40 17.11 2.46
C ASP A 25 21.83 16.55 2.23
N THR A 26 21.96 15.44 1.49
CA THR A 26 23.28 14.85 1.21
C THR A 26 24.11 15.69 0.22
N LEU A 27 23.49 16.62 -0.49
CA LEU A 27 24.14 17.26 -1.62
C LEU A 27 24.53 18.72 -1.40
N MET A 28 23.74 19.47 -0.63
CA MET A 28 24.02 20.85 -0.29
C MET A 28 24.65 20.86 1.11
N ILE A 29 25.82 21.48 1.24
CA ILE A 29 26.62 21.44 2.49
C ILE A 29 26.06 22.35 3.60
N SER A 30 25.22 23.31 3.23
CA SER A 30 24.40 24.06 4.18
C SER A 30 23.36 23.21 4.94
N ARG A 31 23.05 22.01 4.43
CA ARG A 31 22.08 21.10 5.06
C ARG A 31 22.79 19.98 5.81
N THR A 32 22.04 19.33 6.71
CA THR A 32 22.57 18.33 7.62
C THR A 32 21.76 17.05 7.40
N PRO A 33 22.38 16.04 6.77
CA PRO A 33 21.67 14.80 6.46
C PRO A 33 21.71 13.78 7.60
N GLU A 34 20.58 13.11 7.83
CA GLU A 34 20.38 12.22 9.00
C GLU A 34 19.88 10.86 8.53
N VAL A 35 20.39 9.81 9.16
CA VAL A 35 19.84 8.48 9.04
C VAL A 35 18.98 8.29 10.29
N THR A 36 17.77 7.75 10.10
CA THR A 36 16.77 7.68 11.16
C THR A 36 16.31 6.25 11.41
N CYS A 37 16.44 5.81 12.66
CA CYS A 37 16.15 4.44 13.03
C CYS A 37 14.94 4.40 13.97
N VAL A 38 13.81 3.93 13.47
CA VAL A 38 12.55 3.98 14.20
C VAL A 38 12.16 2.58 14.69
N VAL A 39 11.92 2.47 15.99
CA VAL A 39 11.48 1.24 16.61
C VAL A 39 10.01 1.43 17.00
N VAL A 40 9.13 0.55 16.52
CA VAL A 40 7.70 0.56 16.92
C VAL A 40 7.31 -0.72 17.64
N ASP A 41 6.09 -0.73 18.17
CA ASP A 41 5.52 -1.87 18.86
C ASP A 41 6.38 -2.26 20.04
N VAL A 42 6.78 -1.24 20.81
CA VAL A 42 7.48 -1.44 22.07
C VAL A 42 6.39 -1.50 23.12
N SER A 43 6.36 -2.58 23.89
CA SER A 43 5.37 -2.73 24.96
C SER A 43 5.73 -1.87 26.15
N HIS A 44 4.71 -1.55 26.95
CA HIS A 44 4.93 -0.93 28.25
C HIS A 44 5.69 -1.82 29.26
N GLU A 45 5.62 -3.15 29.09
CA GLU A 45 6.23 -4.10 30.03
C GLU A 45 7.74 -4.19 29.87
N ASP A 46 8.22 -4.02 28.64
CA ASP A 46 9.65 -3.91 28.34
C ASP A 46 9.90 -2.69 27.45
N PRO A 47 9.81 -1.48 28.03
CA PRO A 47 9.88 -0.24 27.27
C PRO A 47 11.30 0.29 27.00
N GLU A 48 12.33 -0.39 27.54
CA GLU A 48 13.71 0.07 27.44
C GLU A 48 14.27 -0.44 26.12
N VAL A 49 14.84 0.47 25.34
CA VAL A 49 15.37 0.18 24.00
C VAL A 49 16.80 0.74 23.88
N LYS A 50 17.70 -0.07 23.30
CA LYS A 50 19.11 0.25 23.16
C LYS A 50 19.53 0.32 21.67
N PHE A 51 20.09 1.46 21.28
CA PHE A 51 20.60 1.68 19.94
C PHE A 51 22.12 1.65 19.88
N ASN A 52 22.68 0.61 19.23
CA ASN A 52 24.07 0.65 18.76
C ASN A 52 24.05 1.01 17.27
N TRP A 53 25.03 1.80 16.82
CA TRP A 53 25.11 2.38 15.45
C TRP A 53 26.47 2.14 14.79
N TYR A 54 26.54 1.34 13.73
CA TYR A 54 27.82 1.01 13.06
C TYR A 54 27.97 1.59 11.62
N VAL A 55 29.06 2.34 11.38
CA VAL A 55 29.43 2.80 10.02
C VAL A 55 30.47 1.84 9.40
N ASP A 56 30.05 1.10 8.37
CA ASP A 56 30.88 0.06 7.74
C ASP A 56 31.35 -1.10 8.65
N GLY A 57 30.96 -1.09 9.94
CA GLY A 57 31.50 -2.02 10.93
C GLY A 57 31.98 -1.31 12.19
N VAL A 58 32.44 -0.07 12.03
CA VAL A 58 33.00 0.68 13.15
C VAL A 58 31.86 1.37 13.90
N GLU A 59 31.62 0.93 15.14
CA GLU A 59 30.65 1.60 15.99
C GLU A 59 30.93 3.10 16.12
N VAL A 60 29.84 3.87 16.18
CA VAL A 60 29.88 5.31 16.41
C VAL A 60 28.96 5.55 17.59
N HIS A 61 29.20 6.67 18.24
CA HIS A 61 28.40 7.15 19.35
C HIS A 61 27.84 8.42 18.76
N ASN A 62 27.59 9.48 19.52
CA ASN A 62 27.08 10.76 18.90
C ASN A 62 25.64 10.73 18.29
N ALA A 63 25.05 9.54 18.08
CA ALA A 63 23.64 9.41 17.71
C ALA A 63 22.77 10.01 18.80
N LYS A 64 21.76 10.79 18.41
CA LYS A 64 20.88 11.50 19.34
C LYS A 64 19.53 10.78 19.41
N THR A 65 19.36 9.98 20.47
CA THR A 65 18.14 9.20 20.73
C THR A 65 17.05 10.03 21.40
N LYS A 66 15.89 10.12 20.76
CA LYS A 66 14.71 10.81 21.34
C LYS A 66 14.11 9.99 22.49
N PRO A 67 13.25 10.63 23.31
CA PRO A 67 12.57 9.89 24.37
C PRO A 67 11.29 9.22 23.84
N ARG A 68 11.02 8.02 24.35
CA ARG A 68 9.88 7.21 23.90
C ARG A 68 8.58 7.95 24.00
N GLU A 69 7.78 7.91 22.93
CA GLU A 69 6.52 8.63 22.85
C GLU A 69 5.36 7.63 22.81
N GLU A 70 4.30 7.92 23.57
CA GLU A 70 3.16 7.01 23.74
C GLU A 70 2.32 7.15 22.47
N GLN A 71 2.03 6.04 21.77
CA GLN A 71 1.20 6.06 20.54
C GLN A 71 -0.25 5.80 20.87
N TRP A 72 -1.13 6.26 19.99
CA TRP A 72 -2.58 6.15 20.24
C TRP A 72 -3.04 4.69 20.43
N ASN A 73 -2.32 3.74 19.84
CA ASN A 73 -2.61 2.30 20.05
C ASN A 73 -1.94 1.65 21.28
N SER A 74 -1.45 2.47 22.21
CA SER A 74 -0.92 2.01 23.51
C SER A 74 0.37 1.17 23.38
N THR A 75 1.16 1.49 22.36
CA THR A 75 2.50 0.96 22.21
C THR A 75 3.40 2.15 22.26
N TYR A 76 4.66 1.89 22.58
CA TYR A 76 5.68 2.93 22.53
C TYR A 76 6.40 2.94 21.16
N ARG A 77 6.81 4.14 20.75
CA ARG A 77 7.66 4.37 19.58
C ARG A 77 8.90 5.17 20.00
N VAL A 78 10.07 4.74 19.54
CA VAL A 78 11.36 5.33 19.92
C VAL A 78 12.23 5.55 18.68
N VAL A 79 12.72 6.77 18.49
CA VAL A 79 13.53 7.16 17.33
C VAL A 79 14.96 7.49 17.76
N SER A 80 15.94 6.97 17.00
CA SER A 80 17.35 7.41 17.09
C SER A 80 17.82 8.06 15.78
N VAL A 81 18.50 9.21 15.86
CA VAL A 81 18.89 10.00 14.69
C VAL A 81 20.39 10.20 14.64
N LEU A 82 21.05 9.48 13.73
CA LEU A 82 22.47 9.60 13.48
C LEU A 82 22.72 10.63 12.38
N THR A 83 23.32 11.76 12.74
CA THR A 83 23.80 12.74 11.77
C THR A 83 24.92 12.13 10.93
N VAL A 84 24.84 12.40 9.62
CA VAL A 84 25.72 11.76 8.63
C VAL A 84 26.58 12.83 7.93
N LEU A 85 27.83 12.45 7.60
CA LEU A 85 28.72 13.32 6.85
C LEU A 85 28.40 13.14 5.38
N HIS A 86 28.22 14.26 4.68
CA HIS A 86 27.73 14.27 3.30
C HIS A 86 28.53 13.30 2.44
N GLN A 87 29.86 13.36 2.56
CA GLN A 87 30.73 12.55 1.70
C GLN A 87 30.72 11.07 2.06
N ASP A 88 30.52 10.74 3.34
CA ASP A 88 30.43 9.32 3.76
C ASP A 88 29.26 8.58 3.06
N TRP A 89 28.11 9.26 3.00
CA TRP A 89 26.93 8.75 2.30
C TRP A 89 27.20 8.56 0.81
N LEU A 90 27.82 9.56 0.17
CA LEU A 90 28.03 9.53 -1.29
C LEU A 90 29.07 8.48 -1.67
N ASN A 91 30.14 8.34 -0.88
CA ASN A 91 31.12 7.25 -1.11
C ASN A 91 30.53 5.86 -0.84
N GLY A 92 29.37 5.81 -0.20
CA GLY A 92 28.53 4.61 -0.16
C GLY A 92 28.74 3.74 1.08
N LYS A 93 29.14 4.37 2.18
CA LYS A 93 29.38 3.62 3.41
C LYS A 93 28.03 3.13 3.95
N GLU A 94 28.02 1.91 4.47
CA GLU A 94 26.83 1.31 5.06
C GLU A 94 26.59 1.91 6.42
N TYR A 95 25.31 2.08 6.77
CA TYR A 95 24.89 2.54 8.08
C TYR A 95 23.98 1.50 8.70
N LYS A 96 24.30 1.14 9.95
CA LYS A 96 23.71 0.00 10.65
C LYS A 96 23.09 0.43 11.96
N CYS A 97 21.81 0.11 12.12
CA CYS A 97 21.07 0.30 13.35
C CYS A 97 20.88 -1.07 13.98
N LYS A 98 21.38 -1.22 15.20
CA LYS A 98 21.18 -2.44 15.99
C LYS A 98 20.30 -2.07 17.16
N VAL A 99 19.13 -2.71 17.22
CA VAL A 99 18.10 -2.43 18.24
C VAL A 99 18.04 -3.61 19.19
N SER A 100 18.20 -3.33 20.48
CA SER A 100 18.18 -4.35 21.51
C SER A 100 17.02 -4.05 22.47
N ASN A 101 16.29 -5.09 22.89
CA ASN A 101 15.12 -4.98 23.77
C ASN A 101 14.77 -6.34 24.38
N LYS A 102 14.23 -6.36 25.60
CA LYS A 102 13.93 -7.62 26.31
C LYS A 102 12.92 -8.53 25.61
N ALA A 103 11.95 -7.96 24.89
CA ALA A 103 10.99 -8.78 24.14
C ALA A 103 11.60 -9.44 22.89
N LEU A 104 12.75 -8.96 22.43
CA LEU A 104 13.42 -9.53 21.27
C LEU A 104 14.24 -10.73 21.69
N PRO A 105 14.07 -11.88 21.01
CA PRO A 105 14.96 -13.00 21.36
C PRO A 105 16.41 -12.61 21.09
N ALA A 106 16.65 -12.07 19.90
CA ALA A 106 17.97 -11.58 19.50
C ALA A 106 17.82 -10.20 18.88
N PRO A 107 18.84 -9.34 19.05
CA PRO A 107 18.72 -7.97 18.52
C PRO A 107 18.44 -7.94 17.04
N ILE A 108 17.77 -6.87 16.61
CA ILE A 108 17.43 -6.69 15.21
C ILE A 108 18.44 -5.71 14.61
N GLU A 109 18.98 -6.10 13.47
CA GLU A 109 19.90 -5.27 12.72
C GLU A 109 19.26 -4.93 11.38
N LYS A 110 19.35 -3.66 11.03
CA LYS A 110 18.89 -3.15 9.75
C LYS A 110 20.02 -2.33 9.15
N THR A 111 20.23 -2.43 7.84
CA THR A 111 21.30 -1.70 7.15
C THR A 111 20.75 -0.95 5.94
N ILE A 112 21.29 0.25 5.71
CA ILE A 112 21.01 1.05 4.49
C ILE A 112 22.26 1.72 3.94
N SER A 113 22.21 2.01 2.64
CA SER A 113 23.25 2.77 1.95
C SER A 113 22.69 3.33 0.65
N LYS A 114 23.46 4.26 0.08
CA LYS A 114 23.17 4.79 -1.24
C LYS A 114 23.09 3.67 -2.26
N ALA A 115 22.10 3.73 -3.15
CA ALA A 115 22.04 2.78 -4.27
C ALA A 115 23.41 2.67 -4.99
N LYS A 116 23.81 1.45 -5.32
CA LYS A 116 25.11 1.20 -5.95
C LYS A 116 24.99 1.28 -7.47
N GLY A 117 26.12 1.55 -8.12
CA GLY A 117 26.19 1.65 -9.56
C GLY A 117 26.80 2.96 -9.98
N GLN A 118 27.30 2.97 -11.21
CA GLN A 118 28.03 4.10 -11.78
C GLN A 118 27.10 5.31 -11.82
N PRO A 119 27.51 6.42 -11.19
CA PRO A 119 26.71 7.63 -11.30
C PRO A 119 26.74 8.25 -12.68
N ARG A 120 25.62 8.84 -13.11
CA ARG A 120 25.50 9.45 -14.44
C ARG A 120 24.81 10.80 -14.36
N GLU A 121 25.38 11.78 -15.07
CA GLU A 121 24.99 13.18 -15.00
C GLU A 121 23.65 13.44 -15.67
N PRO A 122 22.68 14.09 -14.97
CA PRO A 122 21.44 14.45 -15.64
C PRO A 122 21.64 15.53 -16.69
N GLN A 123 20.87 15.39 -17.77
CA GLN A 123 20.73 16.44 -18.74
C GLN A 123 19.40 17.08 -18.38
N VAL A 124 19.34 18.41 -18.47
CA VAL A 124 18.20 19.19 -18.05
C VAL A 124 17.76 20.07 -19.21
N TYR A 125 16.53 19.92 -19.65
CA TYR A 125 15.98 20.77 -20.70
C TYR A 125 14.65 21.35 -20.27
N THR A 126 14.49 22.67 -20.35
CA THR A 126 13.22 23.32 -20.05
C THR A 126 12.44 23.38 -21.35
N LEU A 127 11.12 23.23 -21.28
CA LEU A 127 10.25 23.20 -22.45
C LEU A 127 9.11 24.19 -22.22
N PRO A 128 8.93 25.16 -23.13
CA PRO A 128 7.83 26.11 -22.95
C PRO A 128 6.43 25.48 -23.03
N PRO A 129 5.37 26.26 -22.73
CA PRO A 129 4.03 25.75 -22.93
C PRO A 129 3.75 25.48 -24.39
N SER A 130 3.01 24.41 -24.68
CA SER A 130 2.53 24.20 -26.02
C SER A 130 1.69 25.39 -26.44
N ARG A 131 1.76 25.72 -27.72
CA ARG A 131 0.94 26.75 -28.35
C ARG A 131 -0.56 26.59 -28.05
N ASP A 132 -1.06 25.35 -28.04
CA ASP A 132 -2.47 25.07 -27.76
C ASP A 132 -2.91 25.47 -26.34
N GLU A 133 -1.98 25.41 -25.39
CA GLU A 133 -2.21 25.76 -23.99
C GLU A 133 -2.38 27.25 -23.73
N LEU A 134 -1.74 28.10 -24.56
CA LEU A 134 -1.83 29.56 -24.38
C LEU A 134 -3.26 30.10 -24.47
N THR A 135 -4.23 29.26 -24.85
CA THR A 135 -5.65 29.58 -24.71
C THR A 135 -6.10 29.66 -23.26
N LYS A 136 -5.46 28.92 -22.36
CA LYS A 136 -5.97 28.77 -20.99
C LYS A 136 -5.54 29.90 -20.03
N ASN A 137 -6.14 29.96 -18.85
CA ASN A 137 -5.79 30.99 -17.85
C ASN A 137 -4.43 30.73 -17.18
N GLN A 138 -4.11 29.47 -16.95
CA GLN A 138 -2.78 29.04 -16.54
C GLN A 138 -2.12 28.21 -17.62
N VAL A 139 -0.79 28.05 -17.50
CA VAL A 139 0.02 27.34 -18.47
C VAL A 139 1.13 26.57 -17.78
N SER A 140 1.73 25.65 -18.54
CA SER A 140 2.63 24.65 -17.98
C SER A 140 4.05 24.83 -18.53
N LEU A 141 4.98 25.05 -17.62
CA LEU A 141 6.36 25.11 -17.96
C LEU A 141 6.88 23.78 -17.53
N THR A 142 7.67 23.15 -18.38
CA THR A 142 8.10 21.78 -18.17
C THR A 142 9.60 21.73 -18.07
N CYS A 143 10.10 20.93 -17.14
CA CYS A 143 11.52 20.67 -16.99
C CYS A 143 11.70 19.17 -17.14
N LEU A 144 12.46 18.77 -18.15
CA LEU A 144 12.75 17.36 -18.45
C LEU A 144 14.14 17.09 -17.93
N VAL A 145 14.29 16.10 -17.07
CA VAL A 145 15.58 15.71 -16.53
C VAL A 145 15.79 14.24 -16.84
N LYS A 146 16.83 13.93 -17.57
CA LYS A 146 17.06 12.53 -18.01
C LYS A 146 18.52 12.12 -18.02
N GLY A 147 18.74 10.82 -17.99
CA GLY A 147 20.06 10.25 -18.04
C GLY A 147 20.77 10.19 -16.71
N PHE A 148 20.02 10.24 -15.61
CA PHE A 148 20.66 10.31 -14.30
C PHE A 148 20.66 8.97 -13.61
N TYR A 149 21.69 8.79 -12.78
CA TYR A 149 21.81 7.61 -11.95
C TYR A 149 22.70 7.97 -10.78
N PRO A 150 22.41 7.48 -9.56
CA PRO A 150 21.17 6.78 -9.20
C PRO A 150 19.95 7.70 -9.19
N SER A 151 18.78 7.14 -8.83
CA SER A 151 17.50 7.91 -8.87
C SER A 151 17.34 9.00 -7.82
N ASP A 152 18.21 8.99 -6.80
CA ASP A 152 18.28 10.06 -5.82
C ASP A 152 18.44 11.43 -6.46
N ILE A 153 17.43 12.30 -6.34
CA ILE A 153 17.48 13.63 -6.98
C ILE A 153 16.54 14.65 -6.34
N ALA A 154 16.83 15.93 -6.58
CA ALA A 154 15.97 17.03 -6.12
C ALA A 154 15.77 18.02 -7.25
N VAL A 155 14.53 18.44 -7.45
CA VAL A 155 14.17 19.29 -8.53
C VAL A 155 13.25 20.36 -7.99
N GLU A 156 13.48 21.61 -8.37
CA GLU A 156 12.73 22.77 -7.86
C GLU A 156 12.62 23.79 -8.97
N TRP A 157 11.61 24.64 -8.85
CA TRP A 157 11.44 25.75 -9.74
C TRP A 157 11.55 27.04 -8.93
N GLU A 158 12.21 28.05 -9.52
CA GLU A 158 12.49 29.35 -8.90
C GLU A 158 12.11 30.49 -9.86
N SER A 159 11.93 31.68 -9.31
CA SER A 159 11.78 32.90 -10.09
C SER A 159 12.06 34.14 -9.22
N ASN A 160 12.79 35.12 -9.75
CA ASN A 160 13.21 36.29 -8.96
C ASN A 160 13.73 35.89 -7.54
N GLY A 161 14.66 34.93 -7.51
CA GLY A 161 15.26 34.43 -6.27
C GLY A 161 14.40 33.67 -5.25
N GLN A 162 13.14 33.42 -5.56
CA GLN A 162 12.24 32.81 -4.60
C GLN A 162 11.66 31.54 -5.19
N PRO A 163 11.35 30.53 -4.35
CA PRO A 163 10.82 29.29 -4.88
C PRO A 163 9.39 29.43 -5.37
N GLU A 164 9.12 28.94 -6.58
CA GLU A 164 7.76 28.89 -7.11
C GLU A 164 6.89 27.85 -6.42
N ASN A 165 5.61 28.19 -6.34
CA ASN A 165 4.68 27.52 -5.44
C ASN A 165 4.18 26.20 -6.07
N ASN A 166 3.52 26.37 -7.22
CA ASN A 166 2.58 25.42 -7.76
C ASN A 166 3.26 24.60 -8.84
N TYR A 167 3.98 23.58 -8.42
CA TYR A 167 4.66 22.67 -9.33
C TYR A 167 4.63 21.27 -8.74
N LYS A 168 4.49 20.28 -9.61
CA LYS A 168 4.58 18.88 -9.24
C LYS A 168 5.56 18.20 -10.18
N THR A 169 6.28 17.23 -9.64
CA THR A 169 7.34 16.53 -10.33
C THR A 169 6.98 15.06 -10.35
N THR A 170 7.18 14.37 -11.49
CA THR A 170 6.81 12.96 -11.56
C THR A 170 7.82 12.14 -10.75
N PRO A 171 7.49 10.89 -10.43
CA PRO A 171 8.57 10.05 -9.89
C PRO A 171 9.63 9.76 -10.96
N PRO A 172 10.84 9.36 -10.53
CA PRO A 172 11.85 8.88 -11.46
C PRO A 172 11.33 7.68 -12.25
N VAL A 173 11.46 7.73 -13.57
CA VAL A 173 11.15 6.55 -14.42
C VAL A 173 12.41 5.95 -15.04
N LEU A 174 12.49 4.62 -15.04
CA LEU A 174 13.60 3.89 -15.64
C LEU A 174 13.54 3.89 -17.17
N ASP A 175 14.45 4.63 -17.82
CA ASP A 175 14.54 4.66 -19.29
C ASP A 175 15.24 3.35 -19.75
N SER A 176 15.27 3.08 -21.06
CA SER A 176 15.71 1.76 -21.53
C SER A 176 17.23 1.51 -21.41
N ASP A 177 18.02 2.58 -21.29
CA ASP A 177 19.48 2.44 -21.14
C ASP A 177 19.97 2.21 -19.68
N GLY A 178 19.04 1.99 -18.74
CA GLY A 178 19.39 1.85 -17.32
C GLY A 178 19.51 3.15 -16.53
N SER A 179 19.35 4.28 -17.19
CA SER A 179 19.33 5.60 -16.54
C SER A 179 17.87 5.93 -16.22
N PHE A 180 17.66 7.05 -15.54
CA PHE A 180 16.33 7.50 -15.12
C PHE A 180 16.00 8.84 -15.74
N PHE A 181 14.73 9.09 -16.02
CA PHE A 181 14.27 10.45 -16.31
C PHE A 181 13.09 10.80 -15.42
N LEU A 182 12.73 12.05 -15.46
CA LEU A 182 11.51 12.52 -14.82
C LEU A 182 11.21 13.82 -15.49
N TYR A 183 9.99 14.29 -15.23
CA TYR A 183 9.49 15.55 -15.68
C TYR A 183 8.97 16.30 -14.46
N SER A 184 9.20 17.60 -14.42
CA SER A 184 8.57 18.46 -13.42
C SER A 184 7.73 19.52 -14.12
N LYS A 185 6.49 19.72 -13.67
CA LYS A 185 5.58 20.69 -14.28
C LYS A 185 5.34 21.87 -13.36
N LEU A 186 5.72 23.06 -13.82
CA LEU A 186 5.38 24.31 -13.13
C LEU A 186 4.16 24.96 -13.78
N THR A 187 3.13 25.24 -12.98
CA THR A 187 1.91 25.86 -13.46
C THR A 187 1.96 27.33 -13.06
N VAL A 188 1.76 28.22 -14.01
CA VAL A 188 1.77 29.67 -13.72
C VAL A 188 0.56 30.35 -14.37
N ASP A 189 0.11 31.49 -13.85
CA ASP A 189 -0.90 32.29 -14.57
C ASP A 189 -0.27 32.73 -15.89
N LYS A 190 -1.07 32.73 -16.96
CA LYS A 190 -0.59 33.06 -18.29
C LYS A 190 -0.03 34.47 -18.41
N SER A 191 -0.64 35.42 -17.70
CA SER A 191 -0.13 36.79 -17.59
C SER A 191 1.39 36.80 -17.35
N ARG A 192 1.84 36.04 -16.36
CA ARG A 192 3.27 36.04 -15.97
C ARG A 192 4.18 35.54 -17.07
N TRP A 193 3.67 34.61 -17.88
CA TRP A 193 4.43 34.07 -18.99
C TRP A 193 4.54 35.10 -20.10
N GLN A 194 3.40 35.65 -20.51
CA GLN A 194 3.35 36.60 -21.62
C GLN A 194 4.03 37.92 -21.25
N GLN A 195 3.79 38.41 -20.03
CA GLN A 195 4.55 39.56 -19.48
C GLN A 195 6.08 39.31 -19.45
N GLY A 196 6.49 38.05 -19.59
CA GLY A 196 7.86 37.70 -19.95
C GLY A 196 8.80 37.53 -18.78
N ASN A 197 8.32 36.95 -17.69
CA ASN A 197 9.15 36.64 -16.53
C ASN A 197 9.98 35.39 -16.79
N VAL A 198 11.10 35.28 -16.08
CA VAL A 198 12.02 34.16 -16.23
C VAL A 198 11.83 33.18 -15.08
N PHE A 199 11.77 31.90 -15.44
CA PHE A 199 11.59 30.81 -14.50
C PHE A 199 12.74 29.83 -14.67
N SER A 200 13.27 29.37 -13.55
CA SER A 200 14.40 28.48 -13.55
C SER A 200 13.99 27.16 -12.97
N CYS A 201 14.54 26.10 -13.54
CA CYS A 201 14.36 24.77 -13.04
C CYS A 201 15.71 24.41 -12.45
N SER A 202 15.74 23.95 -11.21
CA SER A 202 16.99 23.67 -10.49
C SER A 202 17.03 22.20 -10.18
N VAL A 203 18.22 21.61 -10.28
CA VAL A 203 18.36 20.18 -10.21
C VAL A 203 19.58 19.90 -9.39
N MET A 204 19.43 19.03 -8.38
CA MET A 204 20.55 18.68 -7.54
C MET A 204 20.71 17.20 -7.65
N HIS A 205 21.91 16.81 -8.01
CA HIS A 205 22.23 15.42 -8.24
C HIS A 205 23.71 15.27 -7.99
N GLU A 206 24.10 14.10 -7.52
CA GLU A 206 25.48 13.88 -7.10
C GLU A 206 26.50 14.00 -8.24
N ALA A 207 26.10 13.62 -9.45
CA ALA A 207 26.97 13.62 -10.64
C ALA A 207 27.03 14.93 -11.42
N LEU A 208 26.56 16.04 -10.84
CA LEU A 208 26.69 17.38 -11.42
C LEU A 208 27.79 18.13 -10.70
N HIS A 209 28.49 19.01 -11.42
CA HIS A 209 29.51 19.88 -10.83
C HIS A 209 28.84 20.77 -9.77
N ASN A 210 29.42 20.82 -8.56
CA ASN A 210 28.78 21.44 -7.36
C ASN A 210 27.38 20.88 -7.00
N HIS A 211 27.14 19.61 -7.33
CA HIS A 211 25.82 18.95 -7.19
C HIS A 211 24.63 19.85 -7.60
N TYR A 212 24.81 20.72 -8.59
CA TYR A 212 23.81 21.71 -8.94
C TYR A 212 23.88 22.13 -10.40
N THR A 213 22.71 22.38 -10.97
CA THR A 213 22.60 23.03 -12.24
C THR A 213 21.20 23.64 -12.32
N GLN A 214 21.07 24.71 -13.07
CA GLN A 214 19.77 25.27 -13.34
C GLN A 214 19.64 25.72 -14.80
N LYS A 215 18.41 25.75 -15.29
CA LYS A 215 18.10 26.12 -16.66
C LYS A 215 16.91 27.07 -16.67
N SER A 216 17.08 28.16 -17.40
CA SER A 216 16.09 29.21 -17.44
C SER A 216 15.05 28.91 -18.50
N LEU A 217 13.93 29.63 -18.43
CA LEU A 217 12.83 29.45 -19.36
C LEU A 217 12.02 30.74 -19.32
N SER A 218 11.79 31.33 -20.49
CA SER A 218 10.91 32.50 -20.61
C SER A 218 10.44 32.63 -22.04
N LEU A 219 9.39 33.41 -22.23
CA LEU A 219 8.81 33.62 -23.56
C LEU A 219 9.79 34.30 -24.50
N SER A 220 9.73 33.93 -25.78
CA SER A 220 10.40 34.70 -26.85
C SER A 220 9.97 34.29 -28.25
N PRO B 6 12.86 -25.04 1.90
CA PRO B 6 11.78 -25.70 2.63
C PRO B 6 10.41 -24.99 2.49
N ALA B 7 9.39 -25.50 3.19
CA ALA B 7 8.05 -24.90 3.18
C ALA B 7 7.97 -23.71 4.17
N PRO B 8 7.14 -22.68 3.87
CA PRO B 8 6.80 -21.65 4.87
C PRO B 8 5.50 -21.96 5.63
N GLU B 9 5.29 -21.26 6.73
CA GLU B 9 4.28 -21.65 7.73
C GLU B 9 2.83 -21.34 7.30
N LEU B 10 2.66 -20.22 6.60
CA LEU B 10 1.36 -19.79 6.04
C LEU B 10 0.19 -19.72 7.04
N LEU B 11 0.47 -19.28 8.26
CA LEU B 11 -0.45 -19.44 9.39
C LEU B 11 -1.83 -18.85 9.12
N GLY B 12 -1.81 -17.70 8.44
CA GLY B 12 -3.03 -17.01 8.07
C GLY B 12 -3.69 -17.48 6.78
N GLY B 13 -3.11 -18.49 6.13
CA GLY B 13 -3.71 -19.04 4.93
C GLY B 13 -3.46 -18.12 3.75
N PRO B 14 -4.18 -18.34 2.64
CA PRO B 14 -3.97 -17.53 1.45
C PRO B 14 -4.50 -16.13 1.55
N SER B 15 -3.97 -15.25 0.68
CA SER B 15 -4.45 -13.86 0.55
C SER B 15 -4.85 -13.59 -0.91
N VAL B 16 -5.85 -12.72 -1.05
CA VAL B 16 -6.42 -12.34 -2.31
C VAL B 16 -6.03 -10.92 -2.74
N PHE B 17 -5.60 -10.80 -4.00
CA PHE B 17 -5.42 -9.52 -4.67
C PHE B 17 -6.28 -9.48 -5.94
N LEU B 18 -7.21 -8.53 -5.95
CA LEU B 18 -8.19 -8.33 -7.01
C LEU B 18 -7.80 -7.13 -7.89
N PHE B 19 -7.52 -7.38 -9.17
CA PHE B 19 -7.07 -6.34 -10.11
C PHE B 19 -8.07 -5.87 -11.20
N PRO B 20 -8.00 -4.58 -11.56
CA PRO B 20 -8.93 -4.03 -12.53
C PRO B 20 -8.56 -4.35 -13.98
N PRO B 21 -9.45 -4.00 -14.92
CA PRO B 21 -9.06 -4.10 -16.33
C PRO B 21 -8.05 -3.06 -16.74
N LYS B 22 -7.41 -3.30 -17.87
CA LYS B 22 -6.48 -2.35 -18.43
C LYS B 22 -7.32 -1.24 -19.02
N PRO B 23 -6.88 0.02 -18.82
CA PRO B 23 -7.61 1.17 -19.32
C PRO B 23 -8.02 1.05 -20.79
N LYS B 24 -7.10 0.62 -21.64
CA LYS B 24 -7.37 0.52 -23.07
C LYS B 24 -8.41 -0.54 -23.39
N ASP B 25 -8.41 -1.62 -22.63
CA ASP B 25 -9.38 -2.71 -22.82
C ASP B 25 -10.83 -2.28 -22.47
N THR B 26 -11.01 -1.45 -21.45
CA THR B 26 -12.33 -0.90 -21.11
C THR B 26 -12.86 0.10 -22.14
N LEU B 27 -11.94 0.79 -22.83
CA LEU B 27 -12.25 1.93 -23.71
C LEU B 27 -12.41 1.63 -25.19
N MET B 28 -11.75 0.60 -25.71
CA MET B 28 -11.96 0.16 -27.11
C MET B 28 -12.96 -1.00 -27.10
N ILE B 29 -13.99 -0.89 -27.93
CA ILE B 29 -15.06 -1.91 -27.95
C ILE B 29 -14.60 -3.26 -28.50
N SER B 30 -13.59 -3.23 -29.38
CA SER B 30 -13.02 -4.44 -29.99
C SER B 30 -12.22 -5.30 -29.01
N ARG B 31 -11.79 -4.70 -27.90
CA ARG B 31 -10.94 -5.38 -26.94
C ARG B 31 -11.78 -5.95 -25.82
N THR B 32 -11.18 -6.88 -25.08
CA THR B 32 -11.90 -7.56 -23.97
C THR B 32 -11.33 -7.23 -22.56
N PRO B 33 -12.07 -6.41 -21.78
CA PRO B 33 -11.63 -6.09 -20.42
C PRO B 33 -11.88 -7.23 -19.41
N GLU B 34 -10.93 -7.40 -18.50
CA GLU B 34 -10.89 -8.50 -17.56
C GLU B 34 -10.63 -7.99 -16.13
N VAL B 35 -11.37 -8.52 -15.17
CA VAL B 35 -11.06 -8.38 -13.76
C VAL B 35 -10.34 -9.66 -13.38
N THR B 36 -9.21 -9.57 -12.68
CA THR B 36 -8.36 -10.73 -12.36
C THR B 36 -8.21 -10.90 -10.85
N CYS B 37 -8.76 -12.00 -10.31
CA CYS B 37 -8.66 -12.34 -8.91
C CYS B 37 -7.45 -13.25 -8.78
N VAL B 38 -6.48 -12.86 -7.95
CA VAL B 38 -5.23 -13.60 -7.77
C VAL B 38 -5.19 -14.09 -6.32
N VAL B 39 -4.83 -15.36 -6.11
CA VAL B 39 -4.76 -15.91 -4.77
C VAL B 39 -3.35 -16.45 -4.58
N VAL B 40 -2.69 -15.97 -3.52
CA VAL B 40 -1.30 -16.35 -3.22
C VAL B 40 -1.27 -16.95 -1.83
N ASP B 41 -0.14 -17.56 -1.49
CA ASP B 41 0.01 -18.30 -0.23
C ASP B 41 -0.97 -19.48 -0.11
N VAL B 42 -1.26 -20.11 -1.24
CA VAL B 42 -2.02 -21.36 -1.26
C VAL B 42 -1.02 -22.46 -0.95
N SER B 43 -1.35 -23.29 0.03
CA SER B 43 -0.45 -24.37 0.42
C SER B 43 -0.60 -25.57 -0.53
N HIS B 44 0.47 -26.38 -0.62
CA HIS B 44 0.45 -27.69 -1.26
C HIS B 44 -0.61 -28.68 -0.74
N GLU B 45 -0.92 -28.59 0.56
CA GLU B 45 -1.79 -29.53 1.26
C GLU B 45 -3.25 -29.16 1.04
N ASP B 46 -3.57 -27.86 1.07
CA ASP B 46 -4.96 -27.39 0.75
C ASP B 46 -4.96 -26.45 -0.47
N PRO B 47 -4.69 -27.01 -1.67
CA PRO B 47 -4.51 -26.17 -2.85
C PRO B 47 -5.76 -25.77 -3.61
N GLU B 48 -6.91 -26.35 -3.29
CA GLU B 48 -8.11 -26.02 -4.06
C GLU B 48 -8.62 -24.66 -3.63
N VAL B 49 -9.01 -23.86 -4.62
CA VAL B 49 -9.62 -22.56 -4.43
C VAL B 49 -10.89 -22.56 -5.23
N LYS B 50 -11.98 -22.15 -4.59
CA LYS B 50 -13.27 -22.02 -5.22
C LYS B 50 -13.57 -20.54 -5.36
N PHE B 51 -14.07 -20.16 -6.53
CA PHE B 51 -14.35 -18.78 -6.84
C PHE B 51 -15.84 -18.60 -7.08
N ASN B 52 -16.42 -17.59 -6.43
CA ASN B 52 -17.72 -17.08 -6.75
C ASN B 52 -17.53 -15.61 -7.15
N TRP B 53 -18.07 -15.25 -8.31
CA TRP B 53 -18.00 -13.89 -8.82
C TRP B 53 -19.38 -13.19 -8.83
N TYR B 54 -19.45 -11.94 -8.35
CA TYR B 54 -20.71 -11.16 -8.30
C TYR B 54 -20.53 -9.78 -8.95
N VAL B 55 -21.55 -9.36 -9.70
CA VAL B 55 -21.62 -8.03 -10.33
C VAL B 55 -22.79 -7.31 -9.67
N ASP B 56 -22.50 -6.27 -8.90
CA ASP B 56 -23.50 -5.52 -8.14
C ASP B 56 -24.37 -6.53 -7.37
N GLY B 57 -23.69 -7.45 -6.67
CA GLY B 57 -24.33 -8.48 -5.88
C GLY B 57 -24.91 -9.70 -6.61
N VAL B 58 -25.15 -9.63 -7.92
CA VAL B 58 -25.74 -10.77 -8.64
C VAL B 58 -24.64 -11.73 -9.14
N GLU B 59 -24.79 -13.04 -8.87
CA GLU B 59 -23.76 -14.01 -9.26
C GLU B 59 -23.69 -14.13 -10.77
N VAL B 60 -22.47 -14.26 -11.28
CA VAL B 60 -22.22 -14.50 -12.71
C VAL B 60 -21.31 -15.73 -12.84
N HIS B 61 -21.46 -16.49 -13.93
CA HIS B 61 -20.76 -17.79 -14.08
C HIS B 61 -19.75 -17.91 -15.18
N ASN B 62 -19.42 -16.80 -15.84
CA ASN B 62 -18.57 -16.85 -17.04
C ASN B 62 -17.05 -16.88 -16.76
N ALA B 63 -16.64 -16.98 -15.51
CA ALA B 63 -15.21 -16.88 -15.16
C ALA B 63 -14.32 -17.99 -15.68
N LYS B 64 -13.06 -17.70 -15.93
CA LYS B 64 -12.11 -18.67 -16.44
C LYS B 64 -11.21 -19.15 -15.31
N THR B 65 -11.04 -20.45 -15.21
CA THR B 65 -10.16 -21.04 -14.22
C THR B 65 -8.79 -21.40 -14.81
N LYS B 66 -7.75 -20.80 -14.27
CA LYS B 66 -6.40 -20.97 -14.79
C LYS B 66 -5.78 -22.15 -14.07
N PRO B 67 -4.91 -22.90 -14.75
CA PRO B 67 -4.13 -23.85 -13.98
C PRO B 67 -3.29 -23.14 -12.91
N ARG B 68 -3.24 -23.73 -11.72
CA ARG B 68 -2.43 -23.24 -10.61
C ARG B 68 -0.94 -23.27 -10.92
N GLU B 69 -0.20 -22.32 -10.34
CA GLU B 69 1.19 -22.09 -10.71
C GLU B 69 2.07 -22.28 -9.49
N GLU B 70 3.04 -23.18 -9.58
CA GLU B 70 4.05 -23.35 -8.56
C GLU B 70 4.98 -22.11 -8.50
N GLN B 71 5.06 -21.49 -7.32
CA GLN B 71 6.00 -20.38 -7.10
C GLN B 71 7.29 -20.92 -6.50
N TRP B 72 8.34 -20.09 -6.45
CA TRP B 72 9.65 -20.52 -5.93
C TRP B 72 9.78 -20.38 -4.40
N ASN B 73 8.64 -20.40 -3.70
CA ASN B 73 8.60 -20.58 -2.25
C ASN B 73 7.64 -21.71 -1.84
N SER B 74 7.35 -22.62 -2.78
CA SER B 74 6.48 -23.80 -2.51
C SER B 74 5.05 -23.46 -2.09
N THR B 75 4.50 -22.45 -2.77
CA THR B 75 3.08 -22.14 -2.69
C THR B 75 2.52 -22.10 -4.11
N TYR B 76 1.21 -22.04 -4.20
CA TYR B 76 0.55 -21.91 -5.48
C TYR B 76 0.03 -20.48 -5.60
N ARG B 77 0.22 -19.94 -6.81
CA ARG B 77 -0.49 -18.75 -7.25
C ARG B 77 -1.66 -19.30 -8.08
N VAL B 78 -2.87 -18.91 -7.72
CA VAL B 78 -4.08 -19.48 -8.26
C VAL B 78 -5.01 -18.34 -8.65
N VAL B 79 -5.46 -18.35 -9.90
CA VAL B 79 -6.06 -17.17 -10.53
C VAL B 79 -7.39 -17.47 -11.20
N SER B 80 -8.34 -16.55 -11.08
CA SER B 80 -9.58 -16.57 -11.83
C SER B 80 -9.78 -15.22 -12.54
N VAL B 81 -10.24 -15.28 -13.79
CA VAL B 81 -10.34 -14.12 -14.67
C VAL B 81 -11.77 -14.02 -15.23
N LEU B 82 -12.43 -12.93 -14.90
CA LEU B 82 -13.79 -12.65 -15.32
C LEU B 82 -13.67 -11.53 -16.38
N THR B 83 -14.17 -11.82 -17.58
CA THR B 83 -14.31 -10.78 -18.56
C THR B 83 -15.54 -10.00 -18.16
N VAL B 84 -15.56 -8.72 -18.52
CA VAL B 84 -16.59 -7.82 -18.08
C VAL B 84 -17.12 -7.03 -19.27
N LEU B 85 -18.29 -6.44 -19.06
CA LEU B 85 -18.86 -5.55 -20.03
C LEU B 85 -18.28 -4.16 -19.84
N HIS B 86 -17.84 -3.57 -20.96
CA HIS B 86 -17.18 -2.26 -21.02
C HIS B 86 -18.03 -1.24 -20.30
N GLN B 87 -19.28 -1.13 -20.72
CA GLN B 87 -20.21 -0.17 -20.13
C GLN B 87 -20.43 -0.37 -18.61
N ASP B 88 -20.50 -1.62 -18.14
CA ASP B 88 -20.66 -1.88 -16.68
C ASP B 88 -19.50 -1.34 -15.85
N TRP B 89 -18.30 -1.59 -16.34
CA TRP B 89 -17.13 -1.11 -15.67
C TRP B 89 -17.15 0.40 -15.64
N LEU B 90 -17.37 1.04 -16.77
CA LEU B 90 -17.40 2.49 -16.82
C LEU B 90 -18.61 3.10 -16.09
N ASN B 91 -19.70 2.35 -15.97
CA ASN B 91 -20.86 2.81 -15.18
C ASN B 91 -20.69 2.63 -13.66
N GLY B 92 -19.60 2.02 -13.20
CA GLY B 92 -19.30 1.96 -11.77
C GLY B 92 -19.86 0.73 -11.04
N LYS B 93 -20.11 -0.34 -11.79
CA LYS B 93 -20.54 -1.60 -11.19
C LYS B 93 -19.41 -2.19 -10.35
N GLU B 94 -19.75 -2.72 -9.16
CA GLU B 94 -18.78 -3.33 -8.25
C GLU B 94 -18.62 -4.77 -8.69
N TYR B 95 -17.38 -5.25 -8.76
CA TYR B 95 -17.08 -6.63 -9.09
C TYR B 95 -16.47 -7.26 -7.84
N LYS B 96 -17.16 -8.28 -7.34
CA LYS B 96 -16.80 -8.97 -6.09
C LYS B 96 -16.19 -10.35 -6.44
N CYS B 97 -14.99 -10.63 -5.94
CA CYS B 97 -14.43 -11.96 -6.02
C CYS B 97 -14.50 -12.59 -4.62
N LYS B 98 -15.19 -13.71 -4.49
CA LYS B 98 -15.25 -14.49 -3.24
C LYS B 98 -14.38 -15.74 -3.37
N VAL B 99 -13.42 -15.91 -2.44
CA VAL B 99 -12.42 -16.95 -2.52
C VAL B 99 -12.54 -17.91 -1.33
N SER B 100 -12.75 -19.22 -1.60
CA SER B 100 -12.87 -20.27 -0.54
C SER B 100 -11.72 -21.28 -0.57
N ASN B 101 -11.18 -21.56 0.62
CA ASN B 101 -10.05 -22.47 0.75
C ASN B 101 -10.10 -23.07 2.16
N LYS B 102 -9.60 -24.29 2.29
CA LYS B 102 -9.83 -25.09 3.48
C LYS B 102 -8.97 -24.55 4.62
N ALA B 103 -7.92 -23.77 4.30
CA ALA B 103 -7.07 -23.15 5.33
C ALA B 103 -7.61 -21.82 5.84
N LEU B 104 -8.83 -21.44 5.45
CA LEU B 104 -9.44 -20.22 5.93
C LEU B 104 -10.63 -20.59 6.84
N PRO B 105 -10.95 -19.75 7.83
CA PRO B 105 -12.15 -19.95 8.61
C PRO B 105 -13.41 -19.57 7.85
N ALA B 106 -13.25 -18.67 6.88
CA ALA B 106 -14.38 -18.21 6.08
C ALA B 106 -13.90 -17.78 4.70
N PRO B 107 -14.85 -17.58 3.77
CA PRO B 107 -14.47 -16.97 2.47
C PRO B 107 -13.87 -15.56 2.61
N ILE B 108 -12.78 -15.28 1.87
CA ILE B 108 -12.31 -13.91 1.66
C ILE B 108 -13.06 -13.26 0.50
N GLU B 109 -13.64 -12.08 0.73
CA GLU B 109 -14.32 -11.33 -0.32
C GLU B 109 -13.54 -10.04 -0.62
N LYS B 110 -13.49 -9.69 -1.90
CA LYS B 110 -12.77 -8.52 -2.38
C LYS B 110 -13.62 -7.88 -3.46
N THR B 111 -13.55 -6.56 -3.53
CA THR B 111 -14.37 -5.80 -4.46
C THR B 111 -13.51 -4.83 -5.22
N ILE B 112 -13.98 -4.42 -6.36
CA ILE B 112 -13.27 -3.44 -7.14
C ILE B 112 -14.28 -2.79 -8.05
N SER B 113 -14.14 -1.48 -8.20
CA SER B 113 -14.90 -0.71 -9.17
C SER B 113 -13.97 0.36 -9.69
N LYS B 114 -14.46 1.08 -10.68
CA LYS B 114 -13.76 2.23 -11.19
C LYS B 114 -13.78 3.27 -10.08
N ALA B 115 -12.73 4.07 -10.00
CA ALA B 115 -12.74 5.20 -9.09
C ALA B 115 -13.99 6.07 -9.30
N LYS B 116 -14.52 6.60 -8.20
CA LYS B 116 -15.75 7.41 -8.20
C LYS B 116 -15.37 8.89 -8.24
N GLY B 117 -16.31 9.73 -8.63
CA GLY B 117 -16.02 11.16 -8.75
C GLY B 117 -16.12 11.62 -10.19
N GLN B 118 -16.39 12.91 -10.35
CA GLN B 118 -16.65 13.51 -11.65
C GLN B 118 -15.48 13.20 -12.60
N PRO B 119 -15.76 12.50 -13.71
CA PRO B 119 -14.75 12.37 -14.74
C PRO B 119 -14.38 13.72 -15.30
N ARG B 120 -13.09 13.94 -15.50
CA ARG B 120 -12.60 15.20 -16.07
C ARG B 120 -11.78 14.92 -17.34
N GLU B 121 -12.02 15.74 -18.35
CA GLU B 121 -11.43 15.55 -19.65
C GLU B 121 -9.91 15.85 -19.62
N PRO B 122 -9.08 14.92 -20.11
CA PRO B 122 -7.65 15.23 -20.31
C PRO B 122 -7.39 16.31 -21.37
N GLN B 123 -6.47 17.21 -21.07
CA GLN B 123 -5.93 18.17 -22.04
C GLN B 123 -4.59 17.63 -22.48
N VAL B 124 -4.37 17.54 -23.79
CA VAL B 124 -3.19 16.92 -24.38
C VAL B 124 -2.35 17.96 -25.15
N TYR B 125 -1.04 17.96 -24.90
CA TYR B 125 -0.13 18.94 -25.45
C TYR B 125 1.19 18.26 -25.81
N THR B 126 1.62 18.49 -27.04
CA THR B 126 2.86 17.96 -27.53
C THR B 126 3.88 19.08 -27.49
N LEU B 127 5.13 18.70 -27.22
CA LEU B 127 6.20 19.63 -26.98
C LEU B 127 7.46 19.16 -27.71
N PRO B 128 8.00 20.03 -28.61
CA PRO B 128 9.18 19.61 -29.34
C PRO B 128 10.41 19.57 -28.43
N PRO B 129 11.50 18.94 -28.91
CA PRO B 129 12.73 18.91 -28.15
C PRO B 129 13.26 20.30 -27.83
N SER B 130 13.91 20.45 -26.69
CA SER B 130 14.64 21.66 -26.38
C SER B 130 15.72 21.87 -27.44
N ARG B 131 16.07 23.13 -27.72
CA ARG B 131 17.20 23.41 -28.62
C ARG B 131 18.52 22.77 -28.14
N ASP B 132 18.74 22.72 -26.83
CA ASP B 132 19.92 22.03 -26.27
C ASP B 132 19.99 20.53 -26.53
N GLU B 133 18.87 19.86 -26.80
CA GLU B 133 18.93 18.43 -27.13
C GLU B 133 19.29 18.17 -28.57
N LEU B 134 19.14 19.18 -29.45
CA LEU B 134 19.37 18.98 -30.90
C LEU B 134 20.81 18.63 -31.26
N THR B 135 21.76 18.87 -30.36
CA THR B 135 23.13 18.40 -30.52
C THR B 135 23.25 16.87 -30.43
N LYS B 136 22.33 16.21 -29.70
CA LYS B 136 22.38 14.75 -29.50
C LYS B 136 21.94 13.98 -30.76
N ASN B 137 22.16 12.67 -30.77
CA ASN B 137 21.80 11.84 -31.93
C ASN B 137 20.37 11.36 -31.89
N GLN B 138 19.81 11.29 -30.69
CA GLN B 138 18.38 11.07 -30.49
C GLN B 138 17.79 12.31 -29.83
N VAL B 139 16.51 12.55 -30.08
CA VAL B 139 15.76 13.62 -29.39
C VAL B 139 14.52 13.07 -28.71
N SER B 140 13.98 13.87 -27.81
CA SER B 140 12.86 13.51 -26.96
C SER B 140 11.69 14.34 -27.40
N LEU B 141 10.66 13.68 -27.86
CA LEU B 141 9.38 14.30 -28.12
C LEU B 141 8.53 13.98 -26.90
N THR B 142 7.79 14.99 -26.44
CA THR B 142 7.13 14.98 -25.19
C THR B 142 5.65 15.18 -25.38
N CYS B 143 4.87 14.36 -24.67
CA CYS B 143 3.44 14.52 -24.59
C CYS B 143 2.97 14.76 -23.14
N LEU B 144 2.47 15.96 -22.88
CA LEU B 144 1.88 16.29 -21.58
C LEU B 144 0.41 16.02 -21.67
N VAL B 145 -0.08 15.23 -20.71
CA VAL B 145 -1.52 14.93 -20.55
C VAL B 145 -1.89 15.30 -19.12
N LYS B 146 -2.82 16.23 -18.96
CA LYS B 146 -3.20 16.73 -17.65
C LYS B 146 -4.68 17.04 -17.55
N GLY B 147 -5.12 17.22 -16.31
CA GLY B 147 -6.47 17.66 -16.01
C GLY B 147 -7.47 16.54 -16.06
N PHE B 148 -7.00 15.28 -16.01
CA PHE B 148 -7.89 14.13 -16.15
C PHE B 148 -8.20 13.44 -14.86
N TYR B 149 -9.43 12.92 -14.79
CA TYR B 149 -9.92 12.06 -13.69
C TYR B 149 -10.90 11.08 -14.32
N PRO B 150 -10.97 9.80 -13.91
CA PRO B 150 -10.00 9.10 -13.08
C PRO B 150 -8.62 8.97 -13.71
N SER B 151 -7.69 8.41 -12.96
CA SER B 151 -6.32 8.22 -13.42
C SER B 151 -6.15 7.16 -14.52
N ASP B 152 -7.16 6.32 -14.71
CA ASP B 152 -7.10 5.22 -15.70
C ASP B 152 -7.00 5.81 -17.08
N ILE B 153 -5.92 5.48 -17.78
CA ILE B 153 -5.59 6.16 -19.02
C ILE B 153 -4.56 5.31 -19.80
N ALA B 154 -4.54 5.48 -21.12
CA ALA B 154 -3.61 4.81 -21.99
C ALA B 154 -3.04 5.83 -22.98
N VAL B 155 -1.73 5.73 -23.23
CA VAL B 155 -1.00 6.65 -24.07
C VAL B 155 -0.04 5.86 -24.98
N GLU B 156 -0.04 6.24 -26.26
CA GLU B 156 0.78 5.58 -27.27
C GLU B 156 1.20 6.62 -28.31
N TRP B 157 2.20 6.28 -29.10
CA TRP B 157 2.67 7.15 -30.17
C TRP B 157 2.66 6.47 -31.55
N GLU B 158 2.46 7.26 -32.58
CA GLU B 158 2.53 6.79 -33.95
C GLU B 158 3.17 7.82 -34.87
N SER B 159 3.63 7.34 -36.01
CA SER B 159 4.04 8.19 -37.11
C SER B 159 3.62 7.54 -38.39
N ASN B 160 2.97 8.30 -39.26
CA ASN B 160 2.63 7.88 -40.62
C ASN B 160 1.89 6.56 -40.64
N GLY B 161 0.87 6.43 -39.80
CA GLY B 161 0.11 5.18 -39.68
C GLY B 161 0.77 3.95 -39.06
N GLN B 162 2.01 4.07 -38.58
CA GLN B 162 2.70 2.98 -37.91
C GLN B 162 2.92 3.33 -36.45
N PRO B 163 2.79 2.33 -35.55
CA PRO B 163 3.11 2.60 -34.15
C PRO B 163 4.59 2.98 -33.93
N GLU B 164 4.86 3.93 -33.02
CA GLU B 164 6.22 4.21 -32.57
C GLU B 164 6.25 3.68 -31.16
N ASN B 165 7.15 2.75 -30.88
CA ASN B 165 7.20 2.04 -29.59
C ASN B 165 8.35 2.43 -28.69
N ASN B 166 9.26 3.29 -29.14
CA ASN B 166 10.40 3.58 -28.31
C ASN B 166 10.08 4.75 -27.38
N TYR B 167 9.12 4.53 -26.49
CA TYR B 167 8.67 5.57 -25.59
C TYR B 167 8.54 5.02 -24.17
N LYS B 168 8.45 5.98 -23.24
CA LYS B 168 8.26 5.69 -21.85
C LYS B 168 7.30 6.71 -21.30
N THR B 169 6.41 6.24 -20.42
CA THR B 169 5.39 7.09 -19.82
C THR B 169 5.43 7.05 -18.30
N THR B 170 5.42 8.23 -17.68
CA THR B 170 5.38 8.32 -16.22
C THR B 170 4.03 7.84 -15.68
N PRO B 171 4.02 7.36 -14.43
CA PRO B 171 2.72 7.04 -13.86
C PRO B 171 1.89 8.31 -13.73
N PRO B 172 0.59 8.16 -13.51
CA PRO B 172 -0.19 9.36 -13.29
C PRO B 172 0.18 9.97 -11.95
N VAL B 173 0.17 11.29 -11.89
CA VAL B 173 0.54 12.06 -10.72
C VAL B 173 -0.64 12.95 -10.34
N LEU B 174 -0.93 13.00 -9.04
CA LEU B 174 -2.01 13.78 -8.53
C LEU B 174 -1.62 15.25 -8.55
N ASP B 175 -2.43 16.07 -9.20
CA ASP B 175 -2.14 17.48 -9.28
C ASP B 175 -2.85 18.19 -8.15
N SER B 176 -2.53 19.47 -7.95
CA SER B 176 -3.11 20.25 -6.84
C SER B 176 -4.64 20.53 -6.89
N ASP B 177 -5.31 20.35 -8.03
CA ASP B 177 -6.80 20.46 -8.09
C ASP B 177 -7.50 19.11 -7.98
N GLY B 178 -6.79 18.06 -7.57
CA GLY B 178 -7.39 16.73 -7.52
C GLY B 178 -7.49 15.96 -8.83
N SER B 179 -7.05 16.56 -9.95
CA SER B 179 -6.95 15.85 -11.23
C SER B 179 -5.58 15.20 -11.34
N PHE B 180 -5.37 14.43 -12.41
CA PHE B 180 -4.08 13.77 -12.64
C PHE B 180 -3.38 14.34 -13.88
N PHE B 181 -2.06 14.24 -13.88
CA PHE B 181 -1.29 14.50 -15.09
C PHE B 181 -0.23 13.43 -15.28
N LEU B 182 0.29 13.34 -16.50
CA LEU B 182 1.45 12.51 -16.76
C LEU B 182 2.19 13.08 -17.98
N TYR B 183 3.40 12.58 -18.17
CA TYR B 183 4.18 12.88 -19.33
C TYR B 183 4.51 11.57 -19.97
N SER B 184 4.62 11.60 -21.30
CA SER B 184 5.14 10.48 -22.07
C SER B 184 6.25 11.02 -22.93
N LYS B 185 7.35 10.27 -23.02
CA LYS B 185 8.51 10.67 -23.79
C LYS B 185 8.88 9.65 -24.89
N LEU B 186 8.76 10.06 -26.15
CA LEU B 186 9.18 9.23 -27.30
C LEU B 186 10.57 9.68 -27.77
N THR B 187 11.48 8.73 -27.86
CA THR B 187 12.86 8.96 -28.29
C THR B 187 13.05 8.47 -29.72
N VAL B 188 13.43 9.38 -30.59
CA VAL B 188 13.55 9.15 -32.04
C VAL B 188 14.92 9.59 -32.49
N ASP B 189 15.40 8.98 -33.58
CA ASP B 189 16.64 9.42 -34.24
C ASP B 189 16.44 10.85 -34.78
N LYS B 190 17.43 11.71 -34.57
CA LYS B 190 17.32 13.12 -34.93
C LYS B 190 17.05 13.30 -36.43
N SER B 191 17.69 12.47 -37.26
CA SER B 191 17.46 12.53 -38.71
C SER B 191 15.96 12.50 -39.05
N ARG B 192 15.21 11.67 -38.33
CA ARG B 192 13.80 11.48 -38.60
C ARG B 192 12.97 12.70 -38.30
N TRP B 193 13.42 13.51 -37.34
CA TRP B 193 12.71 14.74 -36.93
C TRP B 193 13.09 15.88 -37.86
N GLN B 194 14.37 15.91 -38.22
CA GLN B 194 14.89 16.87 -39.22
C GLN B 194 14.32 16.70 -40.64
N GLN B 195 13.82 15.50 -40.97
CA GLN B 195 13.22 15.21 -42.28
C GLN B 195 11.82 15.80 -42.40
N GLY B 196 11.20 16.13 -41.25
CA GLY B 196 9.86 16.77 -41.20
C GLY B 196 8.70 15.81 -40.93
N ASN B 197 9.05 14.60 -40.52
CA ASN B 197 8.07 13.60 -40.13
C ASN B 197 7.20 14.10 -38.98
N VAL B 198 5.91 13.81 -39.07
CA VAL B 198 4.91 14.18 -38.08
C VAL B 198 4.73 13.01 -37.12
N PHE B 199 4.95 13.27 -35.84
CA PHE B 199 4.74 12.26 -34.80
C PHE B 199 3.50 12.62 -34.03
N SER B 200 2.87 11.60 -33.45
CA SER B 200 1.57 11.78 -32.85
C SER B 200 1.45 11.06 -31.53
N CYS B 201 0.79 11.75 -30.60
CA CYS B 201 0.56 11.27 -29.26
C CYS B 201 -0.92 10.89 -29.22
N SER B 202 -1.20 9.64 -28.85
CA SER B 202 -2.56 9.10 -28.86
C SER B 202 -2.94 8.82 -27.44
N VAL B 203 -4.07 9.38 -27.03
CA VAL B 203 -4.54 9.28 -25.67
C VAL B 203 -5.97 8.72 -25.58
N MET B 204 -6.14 7.74 -24.70
CA MET B 204 -7.45 7.13 -24.47
C MET B 204 -7.89 7.31 -23.03
N HIS B 205 -9.13 7.77 -22.88
CA HIS B 205 -9.71 8.08 -21.56
C HIS B 205 -11.24 8.22 -21.67
N GLU B 206 -11.97 7.82 -20.64
CA GLU B 206 -13.43 7.78 -20.74
C GLU B 206 -14.05 9.16 -20.99
N ALA B 207 -13.43 10.20 -20.47
CA ALA B 207 -13.93 11.55 -20.56
C ALA B 207 -13.64 12.23 -21.89
N LEU B 208 -12.87 11.58 -22.78
CA LEU B 208 -12.70 12.09 -24.15
C LEU B 208 -13.84 11.65 -25.06
N HIS B 209 -14.03 12.39 -26.14
CA HIS B 209 -15.00 12.02 -27.17
C HIS B 209 -14.51 10.78 -27.92
N ASN B 210 -15.38 9.77 -28.06
CA ASN B 210 -15.02 8.46 -28.60
C ASN B 210 -13.84 7.85 -27.85
N HIS B 211 -13.69 8.19 -26.58
CA HIS B 211 -12.58 7.71 -25.77
C HIS B 211 -11.18 7.92 -26.42
N TYR B 212 -11.02 8.91 -27.29
CA TYR B 212 -9.79 9.00 -28.09
C TYR B 212 -9.48 10.41 -28.47
N THR B 213 -8.20 10.74 -28.44
CA THR B 213 -7.72 11.96 -29.03
C THR B 213 -6.26 11.81 -29.41
N GLN B 214 -5.84 12.67 -30.32
CA GLN B 214 -4.53 12.63 -30.93
C GLN B 214 -4.04 14.07 -31.00
N LYS B 215 -2.79 14.30 -30.65
CA LYS B 215 -2.13 15.56 -31.01
C LYS B 215 -0.80 15.23 -31.66
N SER B 216 -0.40 16.12 -32.56
CA SER B 216 0.68 15.87 -33.45
C SER B 216 1.78 16.87 -33.22
N LEU B 217 2.97 16.52 -33.68
CA LEU B 217 4.17 17.24 -33.36
C LEU B 217 5.12 17.07 -34.53
N SER B 218 5.65 18.19 -35.07
CA SER B 218 6.68 18.15 -36.14
C SER B 218 7.53 19.41 -36.22
N LEU B 219 8.72 19.29 -36.83
CA LEU B 219 9.58 20.46 -37.14
C LEU B 219 8.81 21.69 -37.68
N SER B 220 8.99 22.84 -37.03
CA SER B 220 8.56 24.15 -37.57
C SER B 220 9.74 25.12 -37.65
N VAL C 8 -25.54 -27.94 33.87
CA VAL C 8 -25.51 -26.67 33.07
C VAL C 8 -24.17 -25.90 33.22
N PHE C 9 -23.05 -26.60 33.04
CA PHE C 9 -21.71 -25.98 33.16
C PHE C 9 -20.80 -26.23 31.92
N LEU C 10 -20.25 -25.14 31.37
CA LEU C 10 -19.38 -25.16 30.19
C LEU C 10 -17.92 -25.26 30.58
N GLU C 11 -17.17 -26.20 29.99
CA GLU C 11 -15.71 -26.36 30.19
C GLU C 11 -14.98 -26.45 28.81
N PRO C 12 -14.30 -25.38 28.35
CA PRO C 12 -14.06 -24.14 29.09
C PRO C 12 -15.28 -23.23 29.18
N GLN C 13 -15.25 -22.31 30.13
CA GLN C 13 -16.40 -21.43 30.44
C GLN C 13 -17.00 -20.63 29.30
N TRP C 14 -16.28 -20.50 28.19
CA TRP C 14 -16.64 -19.52 27.17
C TRP C 14 -17.92 -20.01 26.49
N TYR C 15 -18.94 -19.17 26.54
CA TYR C 15 -20.23 -19.47 25.91
C TYR C 15 -20.22 -19.08 24.41
N ARG C 16 -19.45 -18.04 24.07
CA ARG C 16 -19.11 -17.74 22.68
C ARG C 16 -17.79 -18.41 22.26
N VAL C 17 -17.88 -19.26 21.25
CA VAL C 17 -16.79 -20.13 20.82
C VAL C 17 -16.68 -20.02 19.29
N LEU C 18 -15.68 -20.70 18.74
CA LEU C 18 -15.36 -20.62 17.32
C LEU C 18 -15.46 -21.99 16.67
N GLU C 19 -15.59 -22.01 15.34
CA GLU C 19 -15.67 -23.29 14.64
C GLU C 19 -14.37 -24.06 14.85
N LYS C 20 -14.51 -25.35 15.15
CA LYS C 20 -13.41 -26.28 15.49
C LYS C 20 -12.91 -26.20 16.94
N ASP C 21 -13.56 -25.37 17.78
CA ASP C 21 -13.28 -25.35 19.24
C ASP C 21 -13.89 -26.58 19.95
N SER C 22 -13.13 -27.15 20.88
CA SER C 22 -13.61 -28.21 21.77
C SER C 22 -14.42 -27.59 22.88
N VAL C 23 -15.63 -28.09 23.09
CA VAL C 23 -16.40 -27.78 24.29
C VAL C 23 -16.68 -29.09 25.03
N THR C 24 -16.71 -28.99 26.35
CA THR C 24 -17.17 -30.05 27.23
C THR C 24 -18.32 -29.46 28.07
N LEU C 25 -19.36 -30.27 28.29
CA LEU C 25 -20.58 -29.82 28.96
C LEU C 25 -20.90 -30.69 30.18
N LYS C 26 -20.98 -30.06 31.35
CA LYS C 26 -21.22 -30.74 32.62
C LYS C 26 -22.68 -30.61 33.06
N CYS C 27 -23.17 -31.64 33.76
CA CYS C 27 -24.56 -31.68 34.26
C CYS C 27 -24.66 -31.53 35.79
N GLN C 28 -25.85 -31.11 36.24
CA GLN C 28 -26.18 -31.05 37.65
C GLN C 28 -26.52 -32.44 38.19
N TRP C 40 -29.95 -34.75 27.95
CA TRP C 40 -29.80 -33.41 27.37
C TRP C 40 -30.89 -33.07 26.36
N PHE C 41 -31.23 -31.79 26.33
CA PHE C 41 -32.16 -31.21 25.34
C PHE C 41 -31.41 -30.14 24.51
N HIS C 42 -31.24 -30.39 23.21
CA HIS C 42 -30.61 -29.43 22.27
C HIS C 42 -31.68 -28.72 21.42
N ASN C 43 -31.90 -27.43 21.69
CA ASN C 43 -33.01 -26.64 21.09
C ASN C 43 -34.40 -27.29 21.40
N GLU C 44 -34.52 -27.81 22.63
CA GLU C 44 -35.62 -28.71 23.03
C GLU C 44 -35.80 -29.92 22.10
N SER C 45 -34.88 -30.87 22.22
CA SER C 45 -34.85 -32.10 21.40
C SER C 45 -33.81 -33.07 21.97
N LEU C 46 -34.03 -34.37 21.77
CA LEU C 46 -33.16 -35.41 22.36
C LEU C 46 -31.81 -35.56 21.65
N ILE C 47 -30.85 -36.12 22.39
CA ILE C 47 -29.43 -36.25 21.95
C ILE C 47 -29.06 -37.70 21.59
N SER C 48 -27.79 -37.91 21.19
CA SER C 48 -27.22 -39.23 21.00
C SER C 48 -26.85 -39.93 22.33
N SER C 49 -26.17 -39.21 23.23
CA SER C 49 -25.49 -39.80 24.41
C SER C 49 -25.82 -39.14 25.77
N GLN C 50 -25.55 -39.89 26.83
CA GLN C 50 -25.74 -39.46 28.23
C GLN C 50 -24.42 -39.59 28.99
N TYR C 54 -21.59 -34.34 27.82
CA TYR C 54 -21.56 -34.25 26.36
C TYR C 54 -20.31 -33.50 25.85
N PHE C 55 -19.57 -34.16 24.97
CA PHE C 55 -18.32 -33.65 24.41
C PHE C 55 -18.54 -33.19 22.95
N ILE C 56 -18.48 -31.88 22.71
CA ILE C 56 -18.42 -31.35 21.34
C ILE C 56 -16.95 -31.23 20.93
N ASP C 57 -16.50 -32.14 20.07
CA ASP C 57 -15.09 -32.23 19.67
C ASP C 57 -14.64 -31.01 18.85
N ALA C 58 -15.41 -30.66 17.82
CA ALA C 58 -15.01 -29.67 16.82
C ALA C 58 -16.23 -28.91 16.37
N ALA C 59 -16.60 -27.89 17.15
CA ALA C 59 -17.87 -27.18 16.99
C ALA C 59 -18.18 -26.74 15.57
N THR C 60 -19.48 -26.67 15.26
CA THR C 60 -19.95 -26.00 14.05
C THR C 60 -21.11 -25.08 14.44
N VAL C 61 -21.57 -24.28 13.49
CA VAL C 61 -22.63 -23.29 13.77
C VAL C 61 -23.91 -24.00 14.23
N ASP C 62 -24.14 -25.21 13.72
CA ASP C 62 -25.29 -26.06 14.13
C ASP C 62 -25.30 -26.43 15.63
N ASP C 63 -24.13 -26.54 16.27
CA ASP C 63 -24.04 -26.75 17.73
C ASP C 63 -24.44 -25.53 18.58
N SER C 64 -24.74 -24.39 17.97
CA SER C 64 -25.23 -23.24 18.74
C SER C 64 -26.60 -23.54 19.31
N GLY C 65 -27.17 -22.58 20.04
CA GLY C 65 -28.56 -22.66 20.52
C GLY C 65 -28.70 -22.89 22.02
N GLU C 66 -29.91 -23.25 22.42
CA GLU C 66 -30.28 -23.42 23.84
C GLU C 66 -29.99 -24.85 24.31
N TYR C 67 -29.42 -24.99 25.52
CA TYR C 67 -29.09 -26.29 26.13
C TYR C 67 -29.67 -26.45 27.55
N ARG C 68 -30.17 -27.65 27.85
CA ARG C 68 -30.79 -27.99 29.16
C ARG C 68 -30.41 -29.43 29.56
N CYS C 69 -30.51 -29.73 30.85
CA CYS C 69 -29.91 -30.95 31.44
C CYS C 69 -30.89 -31.76 32.33
N GLN C 70 -30.68 -33.08 32.40
CA GLN C 70 -31.55 -34.02 33.15
C GLN C 70 -30.97 -35.47 33.23
N THR C 71 -31.21 -36.15 34.36
CA THR C 71 -30.89 -37.59 34.51
C THR C 71 -31.93 -38.35 35.35
N SER C 74 -32.04 -35.87 38.14
CA SER C 74 -32.37 -34.62 38.81
C SER C 74 -33.54 -33.90 38.13
N THR C 75 -33.81 -32.67 38.57
CA THR C 75 -34.79 -31.78 37.93
C THR C 75 -34.35 -31.37 36.51
N LEU C 76 -35.20 -30.62 35.81
CA LEU C 76 -34.84 -30.00 34.52
C LEU C 76 -34.19 -28.62 34.75
N SER C 77 -33.01 -28.43 34.17
CA SER C 77 -32.17 -27.26 34.45
C SER C 77 -32.60 -26.01 33.70
N ASP C 78 -32.00 -24.87 34.08
CA ASP C 78 -32.23 -23.58 33.40
C ASP C 78 -31.69 -23.59 31.95
N PRO C 79 -32.04 -22.54 31.14
CA PRO C 79 -31.54 -22.49 29.75
C PRO C 79 -30.15 -21.82 29.64
N VAL C 80 -29.18 -22.52 29.04
CA VAL C 80 -27.81 -22.01 28.86
C VAL C 80 -27.42 -21.99 27.37
N GLN C 81 -27.13 -20.77 26.87
CA GLN C 81 -26.86 -20.51 25.45
C GLN C 81 -25.36 -20.75 25.05
N LEU C 82 -25.12 -21.44 23.93
CA LEU C 82 -23.78 -21.65 23.33
C LEU C 82 -23.79 -21.05 21.93
N GLU C 83 -23.10 -19.93 21.71
CA GLU C 83 -23.01 -19.30 20.39
C GLU C 83 -21.72 -19.78 19.71
N VAL C 84 -21.83 -20.41 18.55
CA VAL C 84 -20.67 -20.77 17.73
C VAL C 84 -20.56 -19.73 16.62
N HIS C 85 -19.36 -19.18 16.47
CA HIS C 85 -19.07 -18.10 15.53
C HIS C 85 -18.09 -18.58 14.48
N ILE C 86 -18.00 -17.80 13.40
CA ILE C 86 -17.11 -18.06 12.29
C ILE C 86 -16.15 -16.88 12.23
N GLY C 87 -14.85 -17.16 12.14
CA GLY C 87 -13.86 -16.09 12.12
C GLY C 87 -12.47 -16.52 12.51
N TRP C 88 -11.51 -15.66 12.20
CA TRP C 88 -10.16 -15.75 12.75
C TRP C 88 -10.10 -15.46 14.25
N LEU C 89 -10.88 -14.52 14.74
CA LEU C 89 -10.71 -14.07 16.10
C LEU C 89 -12.04 -13.89 16.72
N LEU C 90 -12.12 -14.24 18.02
CA LEU C 90 -13.35 -14.04 18.80
C LEU C 90 -13.03 -13.51 20.18
N LEU C 91 -13.68 -12.42 20.57
CA LEU C 91 -13.42 -11.82 21.86
C LEU C 91 -14.31 -12.51 22.89
N GLN C 92 -13.71 -13.44 23.65
CA GLN C 92 -14.43 -14.25 24.66
C GLN C 92 -14.46 -13.54 26.02
N ALA C 93 -15.53 -13.77 26.77
CA ALA C 93 -15.64 -13.32 28.16
C ALA C 93 -16.72 -14.13 28.89
N PRO C 94 -16.65 -14.21 30.23
CA PRO C 94 -17.71 -14.93 30.98
C PRO C 94 -19.10 -14.23 30.98
N ARG C 95 -19.12 -12.91 30.75
CA ARG C 95 -20.37 -12.14 30.55
C ARG C 95 -20.06 -10.76 30.01
N TRP C 96 -21.09 -9.98 29.72
CA TRP C 96 -20.97 -8.62 29.16
C TRP C 96 -21.53 -7.49 30.05
N VAL C 97 -22.14 -7.84 31.20
CA VAL C 97 -22.55 -6.87 32.22
C VAL C 97 -21.84 -7.17 33.55
N PHE C 98 -21.14 -6.16 34.08
CA PHE C 98 -20.34 -6.31 35.30
C PHE C 98 -20.70 -5.29 36.38
N LYS C 99 -20.45 -5.66 37.63
CA LYS C 99 -20.57 -4.74 38.78
C LYS C 99 -19.26 -3.93 38.90
N GLU C 100 -19.36 -2.71 39.43
CA GLU C 100 -18.16 -1.94 39.79
C GLU C 100 -17.31 -2.77 40.72
N GLU C 101 -16.00 -2.72 40.51
CA GLU C 101 -14.99 -3.53 41.23
C GLU C 101 -14.87 -5.03 40.87
N ASP C 102 -15.75 -5.58 40.03
CA ASP C 102 -15.62 -6.98 39.56
C ASP C 102 -14.41 -7.14 38.60
N PRO C 103 -13.79 -8.32 38.58
CA PRO C 103 -12.73 -8.62 37.61
C PRO C 103 -13.27 -8.98 36.20
N ILE C 104 -12.75 -8.32 35.16
CA ILE C 104 -13.15 -8.53 33.76
C ILE C 104 -12.05 -9.29 33.00
N HIS C 105 -12.33 -10.53 32.61
CA HIS C 105 -11.39 -11.42 31.92
C HIS C 105 -11.77 -11.51 30.44
N LEU C 106 -10.88 -11.00 29.57
CA LEU C 106 -11.03 -11.08 28.10
C LEU C 106 -9.97 -12.03 27.52
N ARG C 107 -10.42 -12.86 26.58
CA ARG C 107 -9.53 -13.75 25.85
C ARG C 107 -9.75 -13.46 24.38
N CYS C 108 -8.66 -13.20 23.66
CA CYS C 108 -8.69 -12.95 22.23
C CYS C 108 -8.40 -14.28 21.56
N HIS C 109 -9.44 -15.03 21.24
CA HIS C 109 -9.29 -16.41 20.87
C HIS C 109 -9.13 -16.48 19.37
N SER C 110 -8.08 -17.19 18.97
CA SER C 110 -7.78 -17.42 17.57
C SER C 110 -8.26 -18.82 17.12
N TRP C 111 -8.78 -18.84 15.89
CA TRP C 111 -9.30 -20.03 15.21
C TRP C 111 -8.23 -21.10 15.20
N LYS C 112 -8.57 -22.32 15.68
CA LYS C 112 -7.64 -23.46 15.85
C LYS C 112 -6.45 -23.16 16.77
N ASN C 113 -6.62 -22.20 17.66
CA ASN C 113 -5.53 -21.69 18.48
C ASN C 113 -4.27 -21.36 17.68
N THR C 114 -4.49 -20.82 16.49
CA THR C 114 -3.41 -20.42 15.62
C THR C 114 -2.68 -19.28 16.29
N ALA C 115 -1.36 -19.29 16.19
CA ALA C 115 -0.52 -18.35 16.92
C ALA C 115 -0.82 -16.93 16.45
N LEU C 116 -1.14 -16.09 17.43
CA LEU C 116 -1.49 -14.70 17.19
C LEU C 116 -0.39 -13.86 17.83
N HIS C 117 0.07 -12.82 17.12
CA HIS C 117 1.16 -11.94 17.60
C HIS C 117 0.81 -10.49 17.32
N LYS C 118 1.41 -9.60 18.09
CA LYS C 118 1.12 -8.16 18.08
C LYS C 118 -0.37 -7.85 18.31
N VAL C 119 -0.85 -8.37 19.43
CA VAL C 119 -2.26 -8.34 19.79
C VAL C 119 -2.63 -7.04 20.49
N THR C 120 -3.63 -6.34 19.98
CA THR C 120 -4.17 -5.15 20.62
C THR C 120 -5.61 -5.41 21.03
N TYR C 121 -5.96 -5.05 22.26
CA TYR C 121 -7.35 -4.96 22.70
C TYR C 121 -7.80 -3.51 22.70
N LEU C 122 -8.86 -3.20 21.94
CA LEU C 122 -9.35 -1.82 21.77
C LEU C 122 -10.65 -1.57 22.54
N GLN C 123 -10.83 -0.34 22.99
CA GLN C 123 -12.06 0.12 23.64
C GLN C 123 -12.51 1.41 22.95
N ASN C 124 -13.71 1.40 22.39
CA ASN C 124 -14.25 2.57 21.72
C ASN C 124 -13.31 3.15 20.66
N GLY C 125 -12.69 2.25 19.90
CA GLY C 125 -11.84 2.65 18.75
C GLY C 125 -10.39 3.01 19.06
N LYS C 126 -9.98 2.85 20.31
CA LYS C 126 -8.63 3.20 20.77
C LYS C 126 -7.99 1.97 21.40
N GLY C 127 -6.77 1.67 20.95
CA GLY C 127 -5.97 0.62 21.57
C GLY C 127 -5.77 0.90 23.04
N ARG C 128 -6.03 -0.11 23.86
CA ARG C 128 -6.00 0.03 25.30
C ARG C 128 -4.85 -0.78 25.90
N LYS C 129 -4.68 -2.02 25.45
CA LYS C 129 -3.56 -2.86 25.87
C LYS C 129 -2.97 -3.57 24.68
N TYR C 130 -1.63 -3.69 24.66
CA TYR C 130 -0.87 -4.30 23.58
C TYR C 130 -0.02 -5.42 24.12
N PHE C 131 0.11 -6.51 23.35
CA PHE C 131 0.88 -7.67 23.78
C PHE C 131 1.66 -8.13 22.57
N HIS C 132 2.91 -8.57 22.79
CA HIS C 132 3.77 -9.04 21.71
C HIS C 132 3.27 -10.35 21.21
N HIS C 133 2.96 -11.24 22.15
CA HIS C 133 2.34 -12.52 21.89
C HIS C 133 0.95 -12.52 22.51
N ASN C 134 0.05 -13.35 21.97
CA ASN C 134 -1.34 -13.38 22.46
C ASN C 134 -1.38 -13.66 23.96
N SER C 135 -2.24 -12.91 24.63
CA SER C 135 -2.41 -13.01 26.06
C SER C 135 -3.76 -12.49 26.38
N ASP C 136 -4.32 -13.03 27.45
CA ASP C 136 -5.56 -12.57 27.96
C ASP C 136 -5.33 -11.20 28.62
N PHE C 137 -6.37 -10.37 28.53
CA PHE C 137 -6.42 -9.05 29.08
C PHE C 137 -7.37 -9.04 30.27
N TYR C 138 -6.80 -9.24 31.46
CA TYR C 138 -7.57 -9.33 32.71
C TYR C 138 -7.54 -7.97 33.34
N ILE C 139 -8.70 -7.32 33.46
CA ILE C 139 -8.85 -6.11 34.25
C ILE C 139 -9.28 -6.56 35.65
N PRO C 140 -8.47 -6.28 36.69
CA PRO C 140 -8.79 -6.84 38.02
C PRO C 140 -9.97 -6.15 38.75
N LYS C 141 -10.17 -4.84 38.49
CA LYS C 141 -11.10 -4.02 39.26
C LYS C 141 -11.83 -3.04 38.34
N ALA C 142 -13.02 -3.43 37.93
CA ALA C 142 -13.77 -2.67 36.95
C ALA C 142 -14.30 -1.35 37.51
N THR C 143 -14.44 -0.37 36.63
CA THR C 143 -14.99 0.94 36.95
C THR C 143 -15.89 1.36 35.81
N LEU C 144 -16.55 2.52 35.94
CA LEU C 144 -17.44 3.02 34.89
C LEU C 144 -16.71 3.48 33.64
N LYS C 145 -15.40 3.77 33.77
CA LYS C 145 -14.56 4.11 32.62
C LYS C 145 -14.40 2.94 31.63
N ASP C 146 -14.52 1.70 32.12
CA ASP C 146 -14.41 0.48 31.31
C ASP C 146 -15.64 0.15 30.44
N SER C 147 -16.70 0.97 30.49
CA SER C 147 -17.86 0.78 29.62
C SER C 147 -17.54 1.26 28.22
N GLY C 148 -17.90 0.46 27.23
CA GLY C 148 -17.70 0.78 25.81
C GLY C 148 -17.76 -0.47 24.96
N SER C 149 -17.46 -0.34 23.65
CA SER C 149 -17.30 -1.50 22.76
C SER C 149 -15.82 -1.95 22.60
N TYR C 150 -15.60 -3.24 22.74
CA TYR C 150 -14.28 -3.85 22.64
C TYR C 150 -14.19 -4.86 21.49
N PHE C 151 -13.03 -4.88 20.84
CA PHE C 151 -12.64 -5.98 19.96
C PHE C 151 -11.16 -6.19 20.09
N CYS C 152 -10.67 -7.30 19.59
CA CYS C 152 -9.25 -7.50 19.53
C CYS C 152 -8.82 -7.65 18.11
N ARG C 153 -7.52 -7.55 17.91
CA ARG C 153 -6.89 -7.73 16.60
C ARG C 153 -5.44 -8.13 16.76
N GLY C 154 -4.82 -8.53 15.66
CA GLY C 154 -3.48 -9.12 15.70
C GLY C 154 -3.05 -9.68 14.36
N LEU C 155 -1.93 -10.41 14.39
CA LEU C 155 -1.34 -10.98 13.21
C LEU C 155 -1.32 -12.48 13.31
N VAL C 156 -1.91 -13.13 12.31
CA VAL C 156 -1.72 -14.55 12.11
C VAL C 156 -0.72 -14.64 10.97
N GLY C 157 0.54 -14.93 11.29
CA GLY C 157 1.62 -14.77 10.34
C GLY C 157 1.75 -13.31 9.89
N SER C 158 1.43 -13.06 8.63
CA SER C 158 1.50 -11.73 8.06
C SER C 158 0.11 -11.13 7.89
N LYS C 159 -0.94 -11.88 8.25
CA LYS C 159 -2.30 -11.42 8.01
C LYS C 159 -2.90 -10.64 9.21
N ASN C 160 -3.32 -9.41 8.92
CA ASN C 160 -4.02 -8.56 9.87
C ASN C 160 -5.43 -9.09 9.96
N VAL C 161 -5.84 -9.44 11.19
CA VAL C 161 -7.19 -9.95 11.50
C VAL C 161 -7.79 -9.25 12.71
N SER C 162 -9.10 -8.99 12.67
CA SER C 162 -9.80 -8.43 13.83
C SER C 162 -11.04 -9.24 14.20
N SER C 163 -11.37 -9.32 15.48
CA SER C 163 -12.63 -9.94 15.91
C SER C 163 -13.74 -8.90 15.79
N GLU C 164 -14.98 -9.36 15.97
CA GLU C 164 -16.15 -8.49 15.91
C GLU C 164 -16.14 -7.74 17.22
N THR C 165 -17.00 -6.73 17.35
CA THR C 165 -17.10 -6.00 18.61
C THR C 165 -18.02 -6.71 19.59
N VAL C 166 -17.86 -6.37 20.87
CA VAL C 166 -18.79 -6.80 21.92
C VAL C 166 -18.97 -5.61 22.85
N GLN C 167 -20.19 -5.38 23.29
CA GLN C 167 -20.47 -4.27 24.17
C GLN C 167 -20.31 -4.76 25.60
N ILE C 168 -19.52 -4.03 26.39
CA ILE C 168 -19.40 -4.24 27.82
C ILE C 168 -20.08 -3.03 28.47
N THR C 169 -20.87 -3.26 29.51
CA THR C 169 -21.49 -2.18 30.27
C THR C 169 -21.25 -2.45 31.75
N ILE C 170 -20.95 -1.37 32.48
CA ILE C 170 -20.59 -1.47 33.89
C ILE C 170 -21.67 -0.76 34.72
N THR C 171 -22.17 -1.47 35.75
CA THR C 171 -23.22 -0.98 36.66
C THR C 171 -22.74 -1.07 38.13
N GLN C 172 -23.60 -0.68 39.08
CA GLN C 172 -23.25 -0.69 40.52
C GLN C 172 -24.13 -1.69 41.29
#